data_5H67
#
_entry.id   5H67
#
_cell.length_a   88.009
_cell.length_b   47.124
_cell.length_c   97.698
_cell.angle_alpha   90.000
_cell.angle_beta   112.594
_cell.angle_gamma   90.000
#
_symmetry.space_group_name_H-M   'P 1 21 1'
#
loop_
_entity.id
_entity.type
_entity.pdbx_description
1 polymer 'Chromosome partition protein Smc'
2 polymer 'Chromosome partition protein Smc'
3 polymer 'Segregation and condensation protein A'
4 non-polymer "ADENOSINE-5'-TRIPHOSPHATE"
5 water water
#
loop_
_entity_poly.entity_id
_entity_poly.type
_entity_poly.pdbx_seq_one_letter_code
_entity_poly.pdbx_strand_id
1 'polypeptide(L)'
;MFLKRLDVIGFKSFAERISVDFVKGVTAVVGPNGSGKSNITDAIRWVLGEQSARSLRGGKMEDIIFAGSDSRKRLNLAEV
TLTLDNDDHFLPIDFHEVSVTRRVYRSGESEFLINNQPCRLKDIIDLFMDSGLGKEAFSIISQGKVEEILSSKAEDRRSI
FEEAAGVLKYKTRKKKAENKLFETQDNLNRVEDILHELE
;
A
2 'polypeptide(L)'
;MRYKFLSEQKEDLTEAKNTLFQVIEEMDEEMTKRFNDTFVQIRSHFDQVFRSLFGGGRAELRLTDPNDLLHSGVEIIAQP
PGKKLQNLNLLSGGERALTAIALLFSILKVRPVPFCVLDQVEAALDEANVFRFAQYLKKYSSDTQFIVITHRKGTMEEAD
VLYGVTMQESGVSKVISVKLEETKEFVQ
;
B
3 'polypeptide(L)' GPHMRQDIPIEARMNEIVHSLKSRGTRINFMDLFPYEQKEHLVVTFLAVLELMKNQLVLIEQEHNFSDIYITGSESIHGA C
#
# COMPACT_ATOMS: atom_id res chain seq x y z
N MET A 1 -4.80 -17.51 -3.08
CA MET A 1 -3.71 -16.94 -2.32
C MET A 1 -4.21 -15.89 -1.36
N PHE A 2 -3.59 -15.81 -0.18
CA PHE A 2 -3.88 -14.74 0.76
C PHE A 2 -2.74 -14.67 1.77
N LEU A 3 -2.68 -13.54 2.46
CA LEU A 3 -1.73 -13.37 3.55
C LEU A 3 -2.18 -14.21 4.75
N LYS A 4 -1.26 -15.04 5.27
CA LYS A 4 -1.55 -15.81 6.48
C LYS A 4 -1.07 -15.09 7.73
N ARG A 5 0.22 -14.76 7.78
CA ARG A 5 0.84 -14.30 9.00
C ARG A 5 1.97 -13.33 8.66
N LEU A 6 2.06 -12.26 9.46
CA LEU A 6 3.16 -11.30 9.39
C LEU A 6 3.88 -11.36 10.72
N ASP A 7 5.14 -11.83 10.71
CA ASP A 7 5.99 -11.86 11.90
C ASP A 7 7.00 -10.72 11.81
N VAL A 8 7.11 -9.92 12.86
CA VAL A 8 7.92 -8.71 12.85
C VAL A 8 8.76 -8.68 14.12
N ILE A 9 10.06 -8.47 13.97
CA ILE A 9 10.95 -8.41 15.12
C ILE A 9 12.06 -7.40 14.88
N GLY A 10 12.12 -6.38 15.73
CA GLY A 10 13.15 -5.37 15.61
C GLY A 10 12.97 -4.39 14.47
N PHE A 11 11.83 -4.42 13.78
CA PHE A 11 11.54 -3.52 12.67
C PHE A 11 10.85 -2.29 13.22
N LYS A 12 11.43 -1.12 12.97
CA LYS A 12 10.88 0.15 13.45
C LYS A 12 10.45 0.05 14.92
N SER A 13 9.18 0.33 15.21
CA SER A 13 8.76 0.39 16.60
C SER A 13 8.45 -0.97 17.21
N PHE A 14 8.61 -2.06 16.46
CA PHE A 14 8.28 -3.39 16.99
C PHE A 14 9.55 -4.00 17.59
N ALA A 15 9.91 -3.51 18.79
CA ALA A 15 11.15 -3.94 19.45
C ALA A 15 11.12 -5.43 19.79
N GLU A 16 10.01 -5.94 20.27
CA GLU A 16 9.86 -7.38 20.41
C GLU A 16 8.89 -7.95 19.39
N ARG A 17 9.05 -9.24 19.15
CA ARG A 17 8.30 -9.95 18.12
C ARG A 17 6.80 -9.71 18.26
N ILE A 18 6.17 -9.37 17.14
CA ILE A 18 4.73 -9.42 17.02
C ILE A 18 4.38 -10.35 15.86
N SER A 19 3.16 -10.86 15.89
CA SER A 19 2.72 -11.84 14.90
C SER A 19 1.25 -11.57 14.60
N VAL A 20 0.97 -11.07 13.41
CA VAL A 20 -0.39 -10.77 12.97
C VAL A 20 -0.88 -11.94 12.14
N ASP A 21 -1.96 -12.59 12.60
CA ASP A 21 -2.65 -13.64 11.85
C ASP A 21 -3.83 -12.99 11.16
N PHE A 22 -3.78 -12.92 9.83
CA PHE A 22 -4.86 -12.29 9.08
C PHE A 22 -5.99 -13.30 8.86
N VAL A 23 -7.20 -12.79 8.75
CA VAL A 23 -8.32 -13.59 8.33
C VAL A 23 -8.51 -13.40 6.83
N LYS A 24 -9.35 -14.26 6.23
CA LYS A 24 -9.54 -14.24 4.79
C LYS A 24 -10.40 -13.06 4.34
N GLY A 25 -11.18 -12.46 5.23
CA GLY A 25 -12.06 -11.36 4.86
C GLY A 25 -11.41 -10.01 5.07
N VAL A 26 -11.82 -9.31 6.12
CA VAL A 26 -11.38 -7.94 6.40
C VAL A 26 -10.69 -7.94 7.75
N THR A 27 -9.38 -7.66 7.76
CA THR A 27 -8.61 -7.43 8.97
C THR A 27 -8.39 -5.92 9.10
N ALA A 28 -8.86 -5.32 10.19
CA ALA A 28 -8.59 -3.91 10.46
C ALA A 28 -7.46 -3.76 11.47
N VAL A 29 -6.58 -2.80 11.21
CA VAL A 29 -5.47 -2.46 12.10
C VAL A 29 -5.73 -1.05 12.61
N VAL A 30 -5.79 -0.89 13.95
CA VAL A 30 -6.25 0.32 14.59
C VAL A 30 -5.33 0.67 15.75
N GLY A 31 -5.48 1.89 16.26
CA GLY A 31 -4.78 2.29 17.47
C GLY A 31 -4.45 3.77 17.50
N PRO A 32 -3.94 4.23 18.64
CA PRO A 32 -3.62 5.66 18.77
C PRO A 32 -2.61 6.11 17.74
N ASN A 33 -2.67 7.39 17.39
CA ASN A 33 -1.72 7.95 16.43
C ASN A 33 -0.30 7.87 16.97
N GLY A 34 0.64 7.64 16.06
CA GLY A 34 2.02 7.45 16.43
C GLY A 34 2.34 6.16 17.17
N SER A 35 1.35 5.33 17.47
CA SER A 35 1.66 4.12 18.21
C SER A 35 2.12 2.95 17.33
N GLY A 36 2.19 3.13 16.01
CA GLY A 36 2.89 2.19 15.14
C GLY A 36 2.04 1.42 14.12
N LYS A 37 0.73 1.65 14.03
CA LYS A 37 -0.08 0.79 13.17
C LYS A 37 0.32 0.89 11.71
N SER A 38 0.81 2.06 11.25
CA SER A 38 1.27 2.14 9.86
C SER A 38 2.65 1.53 9.65
N ASN A 39 3.36 1.17 10.72
CA ASN A 39 4.55 0.35 10.55
C ASN A 39 4.21 -1.06 10.09
N ILE A 40 2.96 -1.49 10.28
CA ILE A 40 2.52 -2.76 9.69
C ILE A 40 2.62 -2.68 8.17
N THR A 41 2.09 -1.59 7.59
CA THR A 41 2.17 -1.36 6.15
C THR A 41 3.61 -1.32 5.68
N ASP A 42 4.46 -0.57 6.38
CA ASP A 42 5.87 -0.49 6.00
C ASP A 42 6.51 -1.86 6.02
N ALA A 43 6.19 -2.68 7.02
CA ALA A 43 6.80 -4.00 7.12
C ALA A 43 6.40 -4.86 5.94
N ILE A 44 5.14 -4.77 5.50
CA ILE A 44 4.67 -5.54 4.36
C ILE A 44 5.36 -5.06 3.08
N ARG A 45 5.43 -3.74 2.88
CA ARG A 45 6.18 -3.20 1.75
C ARG A 45 7.63 -3.68 1.76
N TRP A 46 8.27 -3.60 2.93
CA TRP A 46 9.70 -3.87 3.04
C TRP A 46 10.01 -5.33 2.70
N VAL A 47 9.27 -6.27 3.29
CA VAL A 47 9.55 -7.69 3.07
C VAL A 47 9.24 -8.08 1.64
N LEU A 48 8.33 -7.37 0.96
CA LEU A 48 8.04 -7.67 -0.44
C LEU A 48 8.99 -6.97 -1.39
N GLY A 49 10.02 -6.31 -0.88
CA GLY A 49 11.10 -5.83 -1.70
C GLY A 49 11.06 -4.36 -2.03
N GLU A 50 10.21 -3.59 -1.37
CA GLU A 50 10.27 -2.14 -1.52
C GLU A 50 11.64 -1.61 -1.10
N GLN A 51 12.23 -0.79 -1.96
CA GLN A 51 13.46 -0.10 -1.61
C GLN A 51 13.35 1.42 -1.63
N SER A 52 12.26 1.98 -2.14
CA SER A 52 12.04 3.42 -2.08
C SER A 52 11.90 3.86 -0.63
N ALA A 53 12.82 4.74 -0.20
CA ALA A 53 12.74 5.28 1.16
C ALA A 53 11.49 6.12 1.35
N ARG A 54 11.03 6.80 0.29
CA ARG A 54 9.79 7.56 0.38
C ARG A 54 8.60 6.61 0.57
N SER A 55 8.57 5.52 -0.20
CA SER A 55 7.49 4.55 -0.08
C SER A 55 7.49 3.87 1.29
N LEU A 56 8.66 3.70 1.90
CA LEU A 56 8.77 3.02 3.18
C LEU A 56 8.55 3.95 4.37
N ARG A 57 8.29 5.23 4.13
CA ARG A 57 8.25 6.24 5.19
C ARG A 57 9.54 6.19 6.03
N GLY A 58 10.66 6.11 5.33
CA GLY A 58 11.94 5.83 5.95
C GLY A 58 12.42 4.45 5.53
N GLY A 59 13.42 4.39 4.65
CA GLY A 59 13.89 3.12 4.12
C GLY A 59 15.37 2.86 4.28
N LYS A 60 16.05 3.67 5.09
CA LYS A 60 17.44 3.45 5.42
C LYS A 60 17.56 2.58 6.67
N MET A 61 18.73 1.94 6.82
CA MET A 61 18.94 0.96 7.87
C MET A 61 18.59 1.50 9.25
N GLU A 62 18.97 2.74 9.53
CA GLU A 62 18.61 3.35 10.81
C GLU A 62 17.11 3.61 10.93
N ASP A 63 16.40 3.78 9.81
CA ASP A 63 14.94 3.87 9.89
C ASP A 63 14.32 2.50 10.09
N ILE A 64 14.92 1.45 9.52
CA ILE A 64 14.31 0.13 9.56
C ILE A 64 14.46 -0.50 10.93
N ILE A 65 15.68 -0.48 11.49
CA ILE A 65 15.95 -1.17 12.75
C ILE A 65 15.49 -0.32 13.93
N PHE A 66 14.82 -0.96 14.88
CA PHE A 66 14.46 -0.31 16.13
C PHE A 66 15.64 0.48 16.69
N ALA A 67 15.44 1.79 16.86
CA ALA A 67 16.54 2.69 17.17
C ALA A 67 16.69 2.98 18.66
N GLY A 68 15.85 2.43 19.50
CA GLY A 68 15.93 2.68 20.92
C GLY A 68 14.83 3.61 21.40
N SER A 69 14.57 3.55 22.71
CA SER A 69 13.55 4.35 23.35
C SER A 69 13.93 4.55 24.82
N ASP A 70 13.06 5.23 25.57
CA ASP A 70 13.18 5.24 27.02
C ASP A 70 13.12 3.82 27.57
N SER A 71 12.40 2.95 26.89
CA SER A 71 12.07 1.61 27.36
C SER A 71 13.17 0.59 27.03
N ARG A 72 14.01 0.86 26.05
CA ARG A 72 14.80 -0.19 25.46
C ARG A 72 15.94 0.40 24.67
N LYS A 73 17.06 -0.33 24.66
CA LYS A 73 18.17 0.04 23.81
C LYS A 73 17.92 -0.40 22.38
N ARG A 74 18.54 0.30 21.44
CA ARG A 74 18.42 -0.04 20.03
C ARG A 74 18.87 -1.47 19.77
N LEU A 75 18.35 -2.04 18.69
CA LEU A 75 18.70 -3.39 18.28
C LEU A 75 19.67 -3.33 17.12
N ASN A 76 20.26 -4.49 16.81
CA ASN A 76 21.23 -4.58 15.74
C ASN A 76 20.74 -5.41 14.57
N LEU A 77 19.45 -5.78 14.59
CA LEU A 77 18.86 -6.65 13.59
C LEU A 77 17.36 -6.38 13.50
N ALA A 78 16.86 -6.22 12.28
CA ALA A 78 15.42 -6.22 12.03
C ALA A 78 15.08 -7.36 11.11
N GLU A 79 13.95 -7.99 11.37
CA GLU A 79 13.53 -9.14 10.59
C GLU A 79 12.02 -9.10 10.40
N VAL A 80 11.58 -9.40 9.18
CA VAL A 80 10.15 -9.54 8.88
C VAL A 80 9.99 -10.81 8.08
N THR A 81 8.96 -11.59 8.42
CA THR A 81 8.61 -12.76 7.63
C THR A 81 7.12 -12.71 7.33
N LEU A 82 6.80 -12.72 6.04
CA LEU A 82 5.42 -12.78 5.59
C LEU A 82 5.15 -14.19 5.10
N THR A 83 4.11 -14.82 5.64
CA THR A 83 3.69 -16.15 5.24
C THR A 83 2.40 -16.04 4.43
N LEU A 84 2.40 -16.63 3.23
CA LEU A 84 1.28 -16.57 2.32
C LEU A 84 0.72 -17.97 2.07
N ASP A 85 -0.60 -18.06 1.99
CA ASP A 85 -1.24 -19.30 1.57
C ASP A 85 -1.15 -19.41 0.05
N ASN A 86 -0.55 -20.49 -0.43
CA ASN A 86 -0.38 -20.70 -1.86
C ASN A 86 -1.16 -21.94 -2.33
N ASP A 87 -2.23 -22.29 -1.62
CA ASP A 87 -3.01 -23.47 -1.95
C ASP A 87 -3.45 -23.48 -3.40
N ASP A 88 -3.84 -22.32 -3.94
CA ASP A 88 -4.28 -22.22 -5.32
C ASP A 88 -3.13 -22.04 -6.30
N HIS A 89 -1.89 -22.16 -5.83
CA HIS A 89 -0.71 -22.02 -6.69
C HIS A 89 -0.67 -20.67 -7.42
N PHE A 90 -1.19 -19.62 -6.78
CA PHE A 90 -1.09 -18.28 -7.36
C PHE A 90 0.36 -17.89 -7.58
N LEU A 91 1.23 -18.22 -6.61
CA LEU A 91 2.65 -17.97 -6.83
C LEU A 91 3.28 -19.18 -7.50
N PRO A 92 4.20 -18.93 -8.45
CA PRO A 92 4.85 -20.05 -9.15
C PRO A 92 5.88 -20.77 -8.30
N ILE A 93 5.44 -21.36 -7.20
CA ILE A 93 6.31 -22.08 -6.28
C ILE A 93 5.56 -23.33 -5.82
N ASP A 94 6.23 -24.48 -5.93
CA ASP A 94 5.68 -25.80 -5.59
C ASP A 94 5.70 -26.04 -4.08
N PHE A 95 4.96 -25.20 -3.36
CA PHE A 95 4.90 -25.28 -1.91
C PHE A 95 3.53 -24.78 -1.47
N HIS A 96 2.96 -25.47 -0.49
CA HIS A 96 1.58 -25.17 -0.07
C HIS A 96 1.48 -23.81 0.59
N GLU A 97 2.56 -23.38 1.21
CA GLU A 97 2.63 -22.12 1.91
C GLU A 97 3.96 -21.51 1.54
N VAL A 98 3.96 -20.21 1.25
CA VAL A 98 5.17 -19.51 0.84
C VAL A 98 5.51 -18.46 1.89
N SER A 99 6.76 -18.47 2.35
CA SER A 99 7.23 -17.52 3.33
C SER A 99 8.31 -16.67 2.68
N VAL A 100 8.25 -15.36 2.91
CA VAL A 100 9.25 -14.44 2.40
C VAL A 100 9.87 -13.78 3.60
N THR A 101 11.19 -13.71 3.64
CA THR A 101 11.87 -13.18 4.81
C THR A 101 12.88 -12.13 4.37
N ARG A 102 12.96 -11.05 5.14
CA ARG A 102 13.95 -10.02 4.90
C ARG A 102 14.57 -9.65 6.24
N ARG A 103 15.89 -9.51 6.25
CA ARG A 103 16.62 -9.12 7.43
C ARG A 103 17.60 -8.04 7.03
N VAL A 104 17.85 -7.12 7.95
CA VAL A 104 18.94 -6.15 7.78
C VAL A 104 19.65 -6.01 9.12
N TYR A 105 20.98 -6.03 9.08
CA TYR A 105 21.81 -5.92 10.26
C TYR A 105 22.34 -4.49 10.38
N ARG A 106 22.54 -4.05 11.63
CA ARG A 106 23.16 -2.75 11.88
C ARG A 106 24.42 -2.55 11.04
N SER A 107 25.20 -3.61 10.85
CA SER A 107 26.40 -3.55 10.02
C SER A 107 26.12 -3.26 8.56
N GLY A 108 24.85 -3.24 8.15
CA GLY A 108 24.49 -2.98 6.78
C GLY A 108 24.26 -4.21 5.93
N GLU A 109 24.65 -5.39 6.39
CA GLU A 109 24.36 -6.62 5.67
C GLU A 109 22.85 -6.89 5.65
N SER A 110 22.39 -7.50 4.57
CA SER A 110 20.99 -7.87 4.40
C SER A 110 20.88 -9.32 3.95
N GLU A 111 19.78 -9.97 4.35
CA GLU A 111 19.49 -11.34 3.96
C GLU A 111 18.06 -11.44 3.45
N PHE A 112 17.88 -12.24 2.40
CA PHE A 112 16.57 -12.49 1.84
C PHE A 112 16.40 -13.99 1.73
N LEU A 113 15.20 -14.47 2.06
CA LEU A 113 14.88 -15.89 1.99
C LEU A 113 13.47 -16.06 1.48
N ILE A 114 13.29 -17.12 0.70
CA ILE A 114 11.99 -17.64 0.29
C ILE A 114 11.93 -19.08 0.80
N ASN A 115 10.92 -19.38 1.61
CA ASN A 115 10.77 -20.70 2.19
C ASN A 115 12.06 -21.13 2.90
N ASN A 116 12.68 -20.19 3.62
CA ASN A 116 13.88 -20.38 4.44
C ASN A 116 15.13 -20.65 3.62
N GLN A 117 15.08 -20.51 2.30
CA GLN A 117 16.25 -20.68 1.44
C GLN A 117 16.83 -19.31 1.08
N PRO A 118 18.12 -19.06 1.33
CA PRO A 118 18.72 -17.77 0.94
C PRO A 118 18.55 -17.47 -0.55
N CYS A 119 18.21 -16.23 -0.85
CA CYS A 119 18.03 -15.80 -2.23
C CYS A 119 18.43 -14.35 -2.33
N ARG A 120 18.29 -13.77 -3.52
CA ARG A 120 18.54 -12.36 -3.72
C ARG A 120 17.25 -11.56 -3.63
N LEU A 121 17.39 -10.25 -3.39
CA LEU A 121 16.24 -9.36 -3.43
C LEU A 121 15.48 -9.54 -4.74
N LYS A 122 16.21 -9.58 -5.85
CA LYS A 122 15.62 -9.79 -7.17
C LYS A 122 14.73 -11.04 -7.23
N ASP A 123 15.06 -12.09 -6.48
CA ASP A 123 14.21 -13.27 -6.51
C ASP A 123 12.86 -13.01 -5.84
N ILE A 124 12.84 -12.22 -4.76
CA ILE A 124 11.55 -11.87 -4.19
C ILE A 124 10.77 -10.99 -5.14
N ILE A 125 11.44 -9.99 -5.71
CA ILE A 125 10.77 -9.05 -6.61
C ILE A 125 10.21 -9.80 -7.81
N ASP A 126 11.02 -10.65 -8.43
CA ASP A 126 10.58 -11.43 -9.59
C ASP A 126 9.47 -12.40 -9.24
N LEU A 127 9.49 -12.98 -8.04
CA LEU A 127 8.43 -13.91 -7.68
C LEU A 127 7.07 -13.22 -7.70
N PHE A 128 6.98 -12.01 -7.16
CA PHE A 128 5.69 -11.34 -7.09
C PHE A 128 5.35 -10.65 -8.41
N MET A 129 6.37 -10.17 -9.13
CA MET A 129 6.14 -9.58 -10.44
C MET A 129 5.56 -10.61 -11.41
N ASP A 130 6.13 -11.81 -11.43
CA ASP A 130 5.68 -12.85 -12.35
C ASP A 130 4.26 -13.30 -12.06
N SER A 131 3.77 -13.13 -10.85
CA SER A 131 2.42 -13.56 -10.51
C SER A 131 1.43 -12.40 -10.54
N GLY A 132 1.82 -11.25 -11.08
CA GLY A 132 0.90 -10.13 -11.20
C GLY A 132 0.78 -9.26 -9.97
N LEU A 133 1.81 -9.24 -9.12
CA LEU A 133 1.79 -8.47 -7.87
C LEU A 133 2.99 -7.54 -7.77
N GLY A 134 3.53 -7.10 -8.90
CA GLY A 134 4.67 -6.22 -8.85
C GLY A 134 4.37 -4.78 -8.51
N LYS A 135 5.30 -3.91 -8.91
CA LYS A 135 5.29 -2.50 -8.55
C LYS A 135 3.99 -1.80 -8.94
N GLU A 136 3.42 -2.16 -10.09
CA GLU A 136 2.22 -1.49 -10.60
C GLU A 136 0.92 -2.07 -10.06
N ALA A 137 0.97 -3.18 -9.36
CA ALA A 137 -0.27 -3.74 -8.83
C ALA A 137 -0.75 -2.85 -7.70
N PHE A 138 -2.06 -2.84 -7.50
CA PHE A 138 -2.68 -2.04 -6.45
C PHE A 138 -2.95 -2.89 -5.22
N SER A 139 -1.98 -3.74 -4.86
CA SER A 139 -2.10 -4.57 -3.69
C SER A 139 -1.78 -3.82 -2.41
N ILE A 140 -1.10 -2.67 -2.48
CA ILE A 140 -0.89 -1.82 -1.32
C ILE A 140 -1.25 -0.39 -1.71
N ILE A 141 -2.24 0.18 -1.05
CA ILE A 141 -2.73 1.50 -1.41
C ILE A 141 -2.69 2.38 -0.18
N SER A 142 -1.87 3.42 -0.22
CA SER A 142 -1.85 4.41 0.85
C SER A 142 -2.45 5.72 0.35
N GLN A 143 -2.51 6.71 1.25
CA GLN A 143 -3.14 7.98 0.93
C GLN A 143 -2.45 8.70 -0.21
N GLY A 144 -1.17 8.39 -0.46
CA GLY A 144 -0.48 8.98 -1.60
C GLY A 144 -1.16 8.72 -2.93
N LYS A 145 -1.77 7.53 -3.09
CA LYS A 145 -2.48 7.26 -4.35
C LYS A 145 -3.68 8.15 -4.51
N VAL A 146 -4.44 8.35 -3.43
CA VAL A 146 -5.56 9.28 -3.48
C VAL A 146 -5.07 10.65 -3.87
N GLU A 147 -3.95 11.08 -3.29
CA GLU A 147 -3.40 12.39 -3.64
C GLU A 147 -3.07 12.50 -5.11
N GLU A 148 -2.47 11.45 -5.69
CA GLU A 148 -2.15 11.51 -7.11
C GLU A 148 -3.40 11.66 -7.96
N ILE A 149 -4.46 10.95 -7.60
CA ILE A 149 -5.70 11.05 -8.37
C ILE A 149 -6.27 12.46 -8.27
N LEU A 150 -6.18 13.06 -7.09
CA LEU A 150 -6.78 14.36 -6.82
C LEU A 150 -5.91 15.52 -7.24
N SER A 151 -4.71 15.23 -7.76
N SER A 151 -4.75 15.27 -7.87
CA SER A 151 -3.75 16.25 -8.18
CA SER A 151 -3.96 16.37 -8.40
C SER A 151 -4.33 17.11 -9.30
C SER A 151 -4.83 17.31 -9.23
N SER A 152 -3.85 18.34 -9.38
N SER A 152 -4.50 18.60 -9.18
CA SER A 152 -4.22 19.24 -10.48
CA SER A 152 -5.25 19.58 -9.95
C SER A 152 -3.37 19.05 -11.73
C SER A 152 -5.10 19.32 -11.45
N LYS A 153 -2.17 18.51 -11.62
N LYS A 153 -3.92 18.88 -11.87
CA LYS A 153 -1.36 18.24 -12.80
CA LYS A 153 -3.64 18.65 -13.28
C LYS A 153 -1.83 16.96 -13.48
C LYS A 153 -4.17 17.28 -13.70
N ALA A 154 -2.14 17.06 -14.78
N ALA A 154 -5.09 17.25 -14.66
CA ALA A 154 -2.70 15.93 -15.50
CA ALA A 154 -5.61 15.99 -15.16
C ALA A 154 -1.75 14.74 -15.61
C ALA A 154 -4.51 15.09 -15.71
N GLU A 155 -0.44 14.98 -15.48
N GLU A 155 -3.36 15.67 -16.04
CA GLU A 155 0.54 13.90 -15.52
CA GLU A 155 -2.21 14.96 -16.57
C GLU A 155 0.43 12.99 -14.30
C GLU A 155 -1.33 14.32 -15.50
N ASP A 156 0.10 13.57 -13.13
N ASP A 156 -1.34 14.85 -14.27
CA ASP A 156 -0.06 12.79 -11.91
CA ASP A 156 -0.69 14.16 -13.16
C ASP A 156 -1.22 11.81 -12.02
C ASP A 156 -1.47 12.93 -12.71
N ARG A 157 -2.36 12.29 -12.52
N ARG A 157 -2.72 12.82 -13.11
CA ARG A 157 -3.51 11.42 -12.70
CA ARG A 157 -3.55 11.66 -12.82
C ARG A 157 -3.25 10.39 -13.79
C ARG A 157 -3.28 10.51 -13.77
N ARG A 158 -2.63 10.80 -14.90
CA ARG A 158 -2.38 9.81 -15.95
C ARG A 158 -1.52 8.66 -15.45
N SER A 159 -0.58 8.97 -14.56
CA SER A 159 0.30 7.95 -13.99
C SER A 159 -0.48 6.79 -13.36
N ILE A 160 -1.57 7.08 -12.66
CA ILE A 160 -2.40 6.02 -12.06
C ILE A 160 -2.93 5.09 -13.16
N PHE A 161 -3.38 5.66 -14.26
CA PHE A 161 -3.93 4.85 -15.35
C PHE A 161 -2.84 4.07 -16.07
N GLU A 162 -1.62 4.61 -16.12
CA GLU A 162 -0.51 3.88 -16.72
C GLU A 162 -0.08 2.69 -15.88
N GLU A 163 -0.09 2.84 -14.54
CA GLU A 163 0.15 1.69 -13.66
C GLU A 163 -0.89 0.60 -13.90
N ALA A 164 -2.17 0.99 -13.95
CA ALA A 164 -3.22 0.01 -14.20
C ALA A 164 -3.02 -0.68 -15.54
N ALA A 165 -2.55 0.07 -16.55
CA ALA A 165 -2.29 -0.47 -17.88
C ALA A 165 -1.03 -1.32 -17.97
N GLY A 166 -0.22 -1.35 -16.92
CA GLY A 166 1.01 -2.13 -16.94
C GLY A 166 2.01 -1.69 -18.00
N VAL A 167 2.18 -0.38 -18.19
CA VAL A 167 3.08 0.09 -19.24
C VAL A 167 4.53 0.28 -18.79
N LEU A 168 4.82 0.07 -17.51
CA LEU A 168 6.13 0.49 -17.00
C LEU A 168 7.29 -0.22 -17.73
N LYS A 169 7.18 -1.51 -17.96
CA LYS A 169 8.30 -2.21 -18.58
C LYS A 169 8.54 -1.71 -20.01
N TYR A 170 7.48 -1.30 -20.72
CA TYR A 170 7.65 -0.74 -22.06
C TYR A 170 8.27 0.63 -21.99
N LYS A 171 7.76 1.47 -21.07
CA LYS A 171 8.36 2.78 -20.86
C LYS A 171 9.84 2.66 -20.51
N THR A 172 10.19 1.71 -19.63
CA THR A 172 11.58 1.56 -19.22
C THR A 172 12.46 1.13 -20.40
N ARG A 173 11.98 0.17 -21.20
CA ARG A 173 12.73 -0.27 -22.37
C ARG A 173 12.91 0.87 -23.37
N LYS A 174 11.85 1.66 -23.59
CA LYS A 174 11.97 2.82 -24.47
C LYS A 174 13.04 3.78 -23.98
N LYS A 175 13.03 4.09 -22.68
CA LYS A 175 14.03 4.99 -22.13
C LYS A 175 15.43 4.37 -22.20
N LYS A 176 15.53 3.06 -22.00
CA LYS A 176 16.81 2.39 -22.13
C LYS A 176 17.37 2.52 -23.55
N ALA A 177 16.50 2.35 -24.55
CA ALA A 177 16.94 2.51 -25.93
C ALA A 177 17.30 3.95 -26.25
N GLU A 178 16.51 4.91 -25.77
CA GLU A 178 16.84 6.32 -26.01
C GLU A 178 18.15 6.70 -25.37
N ASN A 179 18.46 6.12 -24.20
CA ASN A 179 19.72 6.40 -23.53
C ASN A 179 20.89 5.77 -24.27
N LYS A 180 20.69 4.56 -24.81
CA LYS A 180 21.73 3.93 -25.63
C LYS A 180 22.07 4.81 -26.82
N LEU A 181 21.05 5.28 -27.54
CA LEU A 181 21.28 6.18 -28.67
C LEU A 181 22.10 7.41 -28.24
N PHE A 182 21.72 8.02 -27.12
CA PHE A 182 22.38 9.25 -26.71
C PHE A 182 23.83 8.98 -26.35
N GLU A 183 24.08 7.91 -25.59
CA GLU A 183 25.44 7.69 -25.13
C GLU A 183 26.33 7.23 -26.28
N THR A 184 25.77 6.50 -27.25
CA THR A 184 26.57 6.13 -28.42
C THR A 184 26.98 7.36 -29.19
N GLN A 185 26.05 8.29 -29.39
CA GLN A 185 26.39 9.52 -30.10
C GLN A 185 27.37 10.37 -29.29
N ASP A 186 27.19 10.41 -27.97
CA ASP A 186 28.09 11.20 -27.14
C ASP A 186 29.51 10.63 -27.15
N ASN A 187 29.65 9.30 -27.07
CA ASN A 187 30.98 8.70 -27.14
C ASN A 187 31.65 9.01 -28.48
N LEU A 188 30.91 8.92 -29.58
CA LEU A 188 31.48 9.27 -30.87
C LEU A 188 31.93 10.73 -30.90
N ASN A 189 31.10 11.63 -30.37
CA ASN A 189 31.46 13.03 -30.29
C ASN A 189 32.76 13.24 -29.52
N ARG A 190 32.93 12.52 -28.41
CA ARG A 190 34.13 12.71 -27.60
C ARG A 190 35.36 12.14 -28.28
N VAL A 191 35.20 11.03 -29.02
CA VAL A 191 36.30 10.47 -29.79
C VAL A 191 36.75 11.47 -30.86
N GLU A 192 35.78 12.05 -31.58
CA GLU A 192 36.14 12.99 -32.65
C GLU A 192 36.84 14.21 -32.10
N ASP A 193 36.52 14.62 -30.87
CA ASP A 193 37.17 15.77 -30.26
C ASP A 193 38.62 15.45 -29.89
N ILE A 194 38.85 14.30 -29.27
CA ILE A 194 40.22 13.85 -29.02
C ILE A 194 40.99 13.79 -30.33
N LEU A 195 40.41 13.17 -31.35
CA LEU A 195 41.09 13.04 -32.64
C LEU A 195 41.38 14.40 -33.26
N HIS A 196 40.46 15.35 -33.11
CA HIS A 196 40.63 16.68 -33.70
C HIS A 196 41.78 17.44 -33.06
N GLU A 197 42.02 17.24 -31.75
CA GLU A 197 43.16 17.85 -31.07
C GLU A 197 44.48 17.21 -31.47
N LEU A 198 44.44 16.08 -32.16
CA LEU A 198 45.64 15.44 -32.67
C LEU A 198 46.08 16.01 -34.01
N GLU A 199 45.19 16.68 -34.73
CA GLU A 199 45.49 17.17 -36.06
C GLU A 199 46.52 18.32 -36.07
N MET B 1 43.49 13.33 -40.89
CA MET B 1 43.60 11.94 -41.32
C MET B 1 42.32 11.18 -40.99
N ARG B 2 41.94 10.26 -41.87
CA ARG B 2 40.77 9.44 -41.67
C ARG B 2 41.18 8.12 -41.04
N TYR B 3 40.40 7.63 -40.08
CA TYR B 3 40.74 6.40 -39.38
C TYR B 3 39.69 5.33 -39.62
N LYS B 4 40.16 4.11 -39.82
CA LYS B 4 39.27 2.97 -40.00
C LYS B 4 38.43 2.72 -38.75
N PHE B 5 39.03 2.81 -37.55
CA PHE B 5 38.28 2.50 -36.34
C PHE B 5 37.19 3.54 -36.09
N LEU B 6 37.45 4.80 -36.46
CA LEU B 6 36.42 5.81 -36.35
C LEU B 6 35.30 5.58 -37.34
N SER B 7 35.65 5.19 -38.57
CA SER B 7 34.63 4.94 -39.58
C SER B 7 33.74 3.76 -39.20
N GLU B 8 34.35 2.73 -38.60
CA GLU B 8 33.54 1.61 -38.10
C GLU B 8 32.64 2.04 -36.94
N GLN B 9 33.14 2.89 -36.05
CA GLN B 9 32.32 3.39 -34.96
C GLN B 9 31.08 4.13 -35.49
N LYS B 10 31.26 4.91 -36.57
CA LYS B 10 30.12 5.64 -37.13
C LYS B 10 29.14 4.68 -37.81
N GLU B 11 29.66 3.61 -38.42
CA GLU B 11 28.78 2.61 -39.04
C GLU B 11 28.03 1.82 -37.99
N ASP B 12 28.69 1.48 -36.87
CA ASP B 12 28.01 0.79 -35.79
C ASP B 12 26.90 1.66 -35.20
N LEU B 13 27.17 2.96 -35.05
CA LEU B 13 26.12 3.88 -34.57
C LEU B 13 24.91 3.83 -35.49
N THR B 14 25.13 4.08 -36.79
CA THR B 14 24.04 4.07 -37.76
C THR B 14 23.28 2.75 -37.70
N GLU B 15 23.99 1.64 -37.55
CA GLU B 15 23.34 0.33 -37.50
C GLU B 15 22.48 0.19 -36.24
N ALA B 16 23.01 0.57 -35.08
CA ALA B 16 22.24 0.43 -33.85
C ALA B 16 21.01 1.33 -33.89
N LYS B 17 21.16 2.54 -34.43
CA LYS B 17 20.05 3.49 -34.53
C LYS B 17 18.86 2.91 -35.26
N ASN B 18 19.09 2.08 -36.26
CA ASN B 18 17.97 1.56 -37.06
C ASN B 18 17.13 0.57 -36.27
N THR B 19 17.78 -0.31 -35.51
CA THR B 19 17.05 -1.24 -34.66
C THR B 19 16.43 -0.53 -33.45
N LEU B 20 17.22 0.30 -32.77
CA LEU B 20 16.73 0.99 -31.57
C LEU B 20 15.52 1.87 -31.89
N PHE B 21 15.52 2.51 -33.05
CA PHE B 21 14.32 3.25 -33.47
C PHE B 21 13.11 2.33 -33.52
N GLN B 22 13.28 1.09 -33.98
CA GLN B 22 12.15 0.17 -34.06
C GLN B 22 11.70 -0.28 -32.66
N VAL B 23 12.64 -0.46 -31.74
CA VAL B 23 12.28 -0.73 -30.35
C VAL B 23 11.42 0.41 -29.79
N ILE B 24 11.89 1.64 -29.97
CA ILE B 24 11.18 2.80 -29.41
C ILE B 24 9.76 2.88 -29.97
N GLU B 25 9.58 2.71 -31.28
CA GLU B 25 8.23 2.82 -31.83
C GLU B 25 7.32 1.70 -31.38
N GLU B 26 7.86 0.51 -31.21
CA GLU B 26 7.00 -0.56 -30.71
C GLU B 26 6.61 -0.31 -29.24
N MET B 27 7.55 0.19 -28.43
CA MET B 27 7.22 0.58 -27.07
C MET B 27 6.10 1.61 -27.06
N ASP B 28 6.20 2.61 -27.93
CA ASP B 28 5.12 3.58 -28.07
C ASP B 28 3.81 2.90 -28.44
N GLU B 29 3.84 1.95 -29.37
CA GLU B 29 2.61 1.26 -29.76
C GLU B 29 2.01 0.48 -28.60
N GLU B 30 2.85 -0.26 -27.87
CA GLU B 30 2.36 -1.02 -26.73
C GLU B 30 1.74 -0.10 -25.68
N MET B 31 2.38 1.06 -25.42
CA MET B 31 1.87 1.97 -24.39
C MET B 31 0.56 2.61 -24.81
N THR B 32 0.42 3.00 -26.08
CA THR B 32 -0.84 3.62 -26.50
C THR B 32 -1.99 2.62 -26.45
N LYS B 33 -1.77 1.41 -26.96
CA LYS B 33 -2.85 0.42 -26.99
C LYS B 33 -3.24 -0.01 -25.58
N ARG B 34 -2.25 -0.34 -24.74
CA ARG B 34 -2.55 -0.82 -23.39
C ARG B 34 -3.20 0.26 -22.55
N PHE B 35 -2.72 1.50 -22.66
CA PHE B 35 -3.34 2.60 -21.94
C PHE B 35 -4.82 2.73 -22.33
N ASN B 36 -5.11 2.69 -23.63
CA ASN B 36 -6.49 2.92 -24.08
C ASN B 36 -7.38 1.75 -23.71
N ASP B 37 -6.93 0.53 -24.00
CA ASP B 37 -7.65 -0.68 -23.63
C ASP B 37 -7.98 -0.69 -22.14
N THR B 38 -6.99 -0.41 -21.29
CA THR B 38 -7.25 -0.40 -19.85
C THR B 38 -8.20 0.74 -19.46
N PHE B 39 -8.01 1.92 -20.04
CA PHE B 39 -8.90 3.03 -19.74
C PHE B 39 -10.37 2.66 -20.02
N VAL B 40 -10.61 2.03 -21.17
CA VAL B 40 -11.95 1.63 -21.55
C VAL B 40 -12.54 0.69 -20.51
N GLN B 41 -11.74 -0.25 -20.02
CA GLN B 41 -12.21 -1.19 -19.01
C GLN B 41 -12.50 -0.51 -17.68
N ILE B 42 -11.61 0.39 -17.25
CA ILE B 42 -11.84 1.09 -15.98
C ILE B 42 -13.09 1.95 -16.10
N ARG B 43 -13.22 2.67 -17.20
CA ARG B 43 -14.40 3.49 -17.42
C ARG B 43 -15.67 2.65 -17.35
N SER B 44 -15.62 1.39 -17.84
CA SER B 44 -16.83 0.57 -17.85
C SER B 44 -17.35 0.28 -16.44
N HIS B 45 -16.49 0.32 -15.41
CA HIS B 45 -16.94 0.07 -14.05
C HIS B 45 -17.23 1.32 -13.24
N PHE B 46 -16.73 2.48 -13.68
CA PHE B 46 -16.61 3.63 -12.79
C PHE B 46 -17.96 4.12 -12.29
N ASP B 47 -18.93 4.28 -13.21
CA ASP B 47 -20.25 4.77 -12.78
C ASP B 47 -20.86 3.87 -11.71
N GLN B 48 -20.78 2.54 -11.90
CA GLN B 48 -21.39 1.63 -10.92
C GLN B 48 -20.66 1.66 -9.57
N VAL B 49 -19.32 1.64 -9.57
CA VAL B 49 -18.58 1.72 -8.32
C VAL B 49 -18.87 3.03 -7.58
N PHE B 50 -18.87 4.15 -8.31
CA PHE B 50 -19.22 5.45 -7.71
C PHE B 50 -20.57 5.38 -7.02
N ARG B 51 -21.58 4.86 -7.73
CA ARG B 51 -22.94 4.84 -7.19
C ARG B 51 -23.04 3.99 -5.95
N SER B 52 -22.34 2.84 -5.93
CA SER B 52 -22.44 2.02 -4.73
C SER B 52 -21.74 2.70 -3.55
N LEU B 53 -20.76 3.58 -3.80
CA LEU B 53 -20.07 4.21 -2.67
C LEU B 53 -20.82 5.43 -2.19
N PHE B 54 -21.40 6.19 -3.11
CA PHE B 54 -22.14 7.41 -2.75
C PHE B 54 -23.60 7.15 -2.44
N GLY B 55 -24.11 5.95 -2.76
CA GLY B 55 -25.52 5.66 -2.62
C GLY B 55 -26.42 6.30 -3.67
N GLY B 56 -25.88 6.67 -4.82
CA GLY B 56 -26.63 7.41 -5.82
C GLY B 56 -25.70 8.24 -6.68
N GLY B 57 -26.29 9.16 -7.43
CA GLY B 57 -25.49 9.99 -8.32
C GLY B 57 -25.07 9.24 -9.58
N ARG B 58 -24.01 9.74 -10.21
CA ARG B 58 -23.44 9.13 -11.41
C ARG B 58 -22.07 9.76 -11.64
N ALA B 59 -21.27 9.12 -12.47
CA ALA B 59 -19.94 9.70 -12.73
C ALA B 59 -19.42 9.19 -14.05
N GLU B 60 -18.45 9.92 -14.62
CA GLU B 60 -17.86 9.62 -15.93
C GLU B 60 -16.34 9.82 -15.91
N LEU B 61 -15.65 9.07 -16.77
CA LEU B 61 -14.24 9.29 -17.09
C LEU B 61 -14.12 9.66 -18.56
N ARG B 62 -13.20 10.58 -18.86
CA ARG B 62 -13.06 11.09 -20.21
C ARG B 62 -11.61 11.47 -20.47
N LEU B 63 -11.07 11.07 -21.62
CA LEU B 63 -9.72 11.48 -21.97
C LEU B 63 -9.68 12.98 -22.31
N THR B 64 -8.68 13.68 -21.77
CA THR B 64 -8.55 15.12 -22.02
C THR B 64 -8.31 15.41 -23.50
N ASP B 65 -7.48 14.60 -24.16
CA ASP B 65 -7.18 14.73 -25.58
C ASP B 65 -7.17 13.32 -26.16
N PRO B 66 -8.29 12.86 -26.75
CA PRO B 66 -8.38 11.46 -27.18
C PRO B 66 -7.52 11.12 -28.37
N ASN B 67 -6.95 12.10 -29.08
CA ASN B 67 -6.07 11.81 -30.21
C ASN B 67 -4.60 11.83 -29.84
N ASP B 68 -4.30 12.04 -28.56
CA ASP B 68 -2.94 11.99 -28.04
C ASP B 68 -2.90 10.91 -26.98
N LEU B 69 -2.91 9.65 -27.41
CA LEU B 69 -3.00 8.55 -26.45
C LEU B 69 -1.69 8.27 -25.75
N LEU B 70 -0.62 9.01 -26.06
CA LEU B 70 0.60 8.89 -25.27
C LEU B 70 0.67 9.86 -24.11
N HIS B 71 -0.07 10.98 -24.16
CA HIS B 71 0.06 12.00 -23.14
C HIS B 71 -1.25 12.51 -22.55
N SER B 72 -2.40 12.12 -23.11
CA SER B 72 -3.66 12.66 -22.63
C SER B 72 -3.83 12.49 -21.12
N GLY B 73 -4.32 13.52 -20.48
CA GLY B 73 -4.84 13.41 -19.13
C GLY B 73 -6.20 12.75 -19.12
N VAL B 74 -6.71 12.55 -17.89
CA VAL B 74 -8.02 11.94 -17.68
C VAL B 74 -8.85 12.91 -16.87
N GLU B 75 -10.01 13.29 -17.41
CA GLU B 75 -10.97 14.11 -16.70
C GLU B 75 -11.91 13.20 -15.93
N ILE B 76 -12.21 13.58 -14.70
CA ILE B 76 -13.19 12.88 -13.87
C ILE B 76 -14.32 13.85 -13.61
N ILE B 77 -15.53 13.45 -13.99
CA ILE B 77 -16.74 14.26 -13.84
C ILE B 77 -17.72 13.44 -13.02
N ALA B 78 -18.23 14.03 -11.93
CA ALA B 78 -18.99 13.23 -11.00
C ALA B 78 -20.13 14.06 -10.43
N GLN B 79 -21.20 13.36 -10.09
CA GLN B 79 -22.40 13.96 -9.52
C GLN B 79 -22.73 13.22 -8.25
N PRO B 80 -22.28 13.69 -7.09
CA PRO B 80 -22.76 13.14 -5.83
C PRO B 80 -24.28 13.33 -5.74
N PRO B 81 -24.99 12.39 -5.11
CA PRO B 81 -26.45 12.52 -5.03
C PRO B 81 -26.80 13.79 -4.28
N GLY B 82 -27.73 14.56 -4.84
CA GLY B 82 -28.11 15.84 -4.27
C GLY B 82 -27.31 17.02 -4.74
N LYS B 83 -26.25 16.81 -5.54
CA LYS B 83 -25.41 17.88 -6.02
C LYS B 83 -25.46 17.95 -7.54
N LYS B 84 -24.75 18.93 -8.10
CA LYS B 84 -24.64 19.03 -9.54
C LYS B 84 -23.49 18.17 -10.05
N LEU B 85 -23.58 17.81 -11.33
CA LEU B 85 -22.51 17.14 -12.05
C LEU B 85 -21.38 18.12 -12.30
N GLN B 86 -20.18 17.81 -11.81
CA GLN B 86 -19.06 18.75 -11.91
C GLN B 86 -17.74 18.00 -12.07
N ASN B 87 -16.78 18.69 -12.67
CA ASN B 87 -15.40 18.23 -12.63
C ASN B 87 -14.98 17.95 -11.19
N LEU B 88 -14.20 16.88 -11.01
CA LEU B 88 -13.68 16.50 -9.71
C LEU B 88 -12.98 17.66 -9.00
N ASN B 89 -12.40 18.58 -9.77
CA ASN B 89 -11.70 19.74 -9.19
C ASN B 89 -12.60 20.58 -8.28
N LEU B 90 -13.92 20.56 -8.51
CA LEU B 90 -14.85 21.45 -7.81
C LEU B 90 -15.71 20.76 -6.76
N LEU B 91 -15.54 19.47 -6.54
CA LEU B 91 -16.30 18.79 -5.51
C LEU B 91 -15.70 19.08 -4.13
N SER B 92 -16.47 18.78 -3.09
CA SER B 92 -16.04 18.94 -1.70
C SER B 92 -14.85 18.03 -1.39
N GLY B 93 -14.17 18.35 -0.29
CA GLY B 93 -13.05 17.52 0.14
C GLY B 93 -13.45 16.07 0.33
N GLY B 94 -14.58 15.83 1.00
CA GLY B 94 -15.00 14.45 1.22
C GLY B 94 -15.52 13.77 -0.04
N GLU B 95 -16.14 14.54 -0.93
CA GLU B 95 -16.59 14.00 -2.20
C GLU B 95 -15.39 13.64 -3.08
N ARG B 96 -14.33 14.46 -3.05
CA ARG B 96 -13.16 14.17 -3.85
C ARG B 96 -12.50 12.88 -3.40
N ALA B 97 -12.39 12.70 -2.08
CA ALA B 97 -11.73 11.51 -1.53
C ALA B 97 -12.50 10.25 -1.92
N LEU B 98 -13.83 10.29 -1.82
CA LEU B 98 -14.62 9.11 -2.14
C LEU B 98 -14.59 8.81 -3.63
N THR B 99 -14.60 9.85 -4.49
CA THR B 99 -14.51 9.64 -5.94
C THR B 99 -13.18 9.02 -6.31
N ALA B 100 -12.08 9.48 -5.68
CA ALA B 100 -10.79 8.83 -5.92
C ALA B 100 -10.82 7.38 -5.51
N ILE B 101 -11.43 7.08 -4.35
CA ILE B 101 -11.57 5.68 -3.93
C ILE B 101 -12.40 4.88 -4.95
N ALA B 102 -13.46 5.50 -5.50
CA ALA B 102 -14.24 4.84 -6.55
C ALA B 102 -13.36 4.48 -7.75
N LEU B 103 -12.43 5.37 -8.13
CA LEU B 103 -11.52 5.06 -9.24
C LEU B 103 -10.58 3.91 -8.88
N LEU B 104 -10.05 3.92 -7.65
CA LEU B 104 -9.17 2.84 -7.22
C LEU B 104 -9.90 1.51 -7.21
N PHE B 105 -11.15 1.49 -6.73
CA PHE B 105 -11.91 0.25 -6.69
C PHE B 105 -12.35 -0.20 -8.08
N SER B 106 -12.53 0.74 -9.02
CA SER B 106 -12.77 0.36 -10.41
C SER B 106 -11.51 -0.23 -11.05
N ILE B 107 -10.34 0.34 -10.75
CA ILE B 107 -9.10 -0.27 -11.21
C ILE B 107 -8.97 -1.69 -10.68
N LEU B 108 -9.33 -1.91 -9.41
CA LEU B 108 -9.23 -3.26 -8.85
C LEU B 108 -10.18 -4.24 -9.55
N LYS B 109 -11.30 -3.78 -10.10
CA LYS B 109 -12.10 -4.72 -10.89
C LYS B 109 -11.37 -5.10 -12.17
N VAL B 110 -10.61 -4.18 -12.76
CA VAL B 110 -9.90 -4.46 -13.99
C VAL B 110 -8.61 -5.24 -13.75
N ARG B 111 -7.92 -4.94 -12.66
CA ARG B 111 -6.61 -5.51 -12.36
C ARG B 111 -6.69 -6.12 -10.97
N PRO B 112 -7.44 -7.21 -10.81
CA PRO B 112 -7.72 -7.72 -9.46
C PRO B 112 -6.45 -8.23 -8.81
N VAL B 113 -6.47 -8.25 -7.48
CA VAL B 113 -5.34 -8.70 -6.67
C VAL B 113 -5.92 -9.64 -5.62
N PRO B 114 -5.17 -10.63 -5.16
CA PRO B 114 -5.72 -11.52 -4.12
C PRO B 114 -5.80 -10.89 -2.74
N PHE B 115 -4.91 -9.93 -2.42
CA PHE B 115 -4.97 -9.21 -1.16
C PHE B 115 -4.72 -7.74 -1.43
N CYS B 116 -5.26 -6.87 -0.58
CA CYS B 116 -5.12 -5.44 -0.79
C CYS B 116 -4.98 -4.77 0.57
N VAL B 117 -3.84 -4.10 0.77
CA VAL B 117 -3.58 -3.36 1.99
C VAL B 117 -4.00 -1.91 1.75
N LEU B 118 -4.99 -1.45 2.51
CA LEU B 118 -5.46 -0.06 2.43
C LEU B 118 -4.97 0.66 3.67
N ASP B 119 -4.07 1.63 3.48
CA ASP B 119 -3.53 2.33 4.64
C ASP B 119 -4.19 3.69 4.75
N GLN B 120 -5.26 3.74 5.56
CA GLN B 120 -5.96 4.99 5.86
C GLN B 120 -6.41 5.72 4.59
N VAL B 121 -6.85 4.96 3.57
CA VAL B 121 -7.19 5.65 2.32
C VAL B 121 -8.46 6.49 2.48
N GLU B 122 -9.28 6.19 3.49
CA GLU B 122 -10.57 6.86 3.66
C GLU B 122 -10.52 7.93 4.77
N ALA B 123 -9.32 8.43 5.06
CA ALA B 123 -9.15 9.42 6.13
C ALA B 123 -9.99 10.66 5.90
N ALA B 124 -10.15 11.09 4.64
CA ALA B 124 -10.86 12.35 4.37
C ALA B 124 -12.33 12.17 4.01
N LEU B 125 -12.88 10.96 4.16
CA LEU B 125 -14.31 10.76 3.89
C LEU B 125 -15.15 11.57 4.88
N ASP B 126 -16.25 12.13 4.37
CA ASP B 126 -17.31 12.60 5.27
C ASP B 126 -17.83 11.42 6.07
N GLU B 127 -18.11 11.66 7.36
CA GLU B 127 -18.57 10.57 8.22
C GLU B 127 -19.78 9.84 7.64
N ALA B 128 -20.71 10.59 7.05
CA ALA B 128 -21.90 9.93 6.50
C ALA B 128 -21.56 8.91 5.42
N ASN B 129 -20.40 9.02 4.77
CA ASN B 129 -20.10 8.12 3.67
C ASN B 129 -19.31 6.89 4.09
N VAL B 130 -18.83 6.84 5.34
CA VAL B 130 -17.90 5.78 5.74
C VAL B 130 -18.56 4.40 5.65
N PHE B 131 -19.86 4.32 5.99
CA PHE B 131 -20.45 2.98 6.10
C PHE B 131 -20.56 2.29 4.74
N ARG B 132 -20.83 3.04 3.68
CA ARG B 132 -20.87 2.41 2.37
C ARG B 132 -19.47 2.01 1.91
N PHE B 133 -18.47 2.82 2.24
CA PHE B 133 -17.10 2.39 2.00
C PHE B 133 -16.82 1.09 2.72
N ALA B 134 -17.11 1.05 4.02
CA ALA B 134 -16.83 -0.16 4.81
C ALA B 134 -17.62 -1.35 4.30
N GLN B 135 -18.89 -1.13 3.93
CA GLN B 135 -19.70 -2.24 3.42
C GLN B 135 -19.21 -2.71 2.05
N TYR B 136 -18.73 -1.78 1.22
CA TYR B 136 -18.08 -2.18 -0.03
C TYR B 136 -16.99 -3.21 0.25
N LEU B 137 -16.14 -2.92 1.24
CA LEU B 137 -15.03 -3.81 1.56
C LEU B 137 -15.53 -5.18 2.01
N LYS B 138 -16.51 -5.21 2.93
CA LYS B 138 -17.05 -6.49 3.36
C LYS B 138 -17.62 -7.26 2.17
N LYS B 139 -18.44 -6.58 1.35
CA LYS B 139 -19.06 -7.26 0.21
C LYS B 139 -18.01 -7.89 -0.69
N TYR B 140 -17.02 -7.10 -1.12
CA TYR B 140 -16.05 -7.61 -2.08
C TYR B 140 -14.86 -8.30 -1.41
N SER B 141 -14.89 -8.48 -0.09
CA SER B 141 -13.86 -9.30 0.55
C SER B 141 -14.02 -10.79 0.23
N SER B 142 -15.12 -11.18 -0.42
CA SER B 142 -15.23 -12.55 -0.91
C SER B 142 -14.17 -12.85 -1.97
N ASP B 143 -13.76 -11.84 -2.73
CA ASP B 143 -12.76 -12.02 -3.78
C ASP B 143 -11.40 -11.42 -3.47
N THR B 144 -11.31 -10.47 -2.54
CA THR B 144 -10.05 -9.84 -2.18
C THR B 144 -9.95 -9.81 -0.67
N GLN B 145 -8.85 -10.33 -0.13
CA GLN B 145 -8.54 -10.14 1.28
C GLN B 145 -8.13 -8.70 1.53
N PHE B 146 -8.82 -8.01 2.44
CA PHE B 146 -8.54 -6.60 2.71
C PHE B 146 -7.89 -6.47 4.09
N ILE B 147 -6.73 -5.82 4.12
CA ILE B 147 -6.05 -5.45 5.36
C ILE B 147 -6.10 -3.93 5.44
N VAL B 148 -6.86 -3.41 6.41
CA VAL B 148 -7.24 -2.01 6.39
C VAL B 148 -6.71 -1.34 7.64
N ILE B 149 -5.71 -0.46 7.48
CA ILE B 149 -5.29 0.43 8.55
C ILE B 149 -6.25 1.61 8.55
N THR B 150 -6.90 1.88 9.69
CA THR B 150 -7.96 2.88 9.70
C THR B 150 -8.05 3.55 11.06
N HIS B 151 -8.47 4.82 11.04
CA HIS B 151 -8.93 5.50 12.25
C HIS B 151 -10.40 5.93 12.15
N ARG B 152 -11.17 5.35 11.22
CA ARG B 152 -12.60 5.65 11.11
C ARG B 152 -13.39 4.50 11.75
N LYS B 153 -14.25 4.84 12.72
CA LYS B 153 -14.93 3.79 13.47
C LYS B 153 -15.91 3.01 12.59
N GLY B 154 -16.53 3.66 11.62
CA GLY B 154 -17.42 2.92 10.74
C GLY B 154 -16.71 1.83 9.96
N THR B 155 -15.44 2.05 9.60
CA THR B 155 -14.69 1.02 8.90
C THR B 155 -14.41 -0.15 9.83
N MET B 156 -13.97 0.14 11.06
CA MET B 156 -13.76 -0.90 12.06
C MET B 156 -15.01 -1.75 12.27
N GLU B 157 -16.18 -1.13 12.30
CA GLU B 157 -17.40 -1.88 12.62
C GLU B 157 -17.71 -2.96 11.58
N GLU B 158 -17.22 -2.83 10.36
CA GLU B 158 -17.50 -3.82 9.34
C GLU B 158 -16.38 -4.84 9.17
N ALA B 159 -15.26 -4.68 9.88
CA ALA B 159 -14.18 -5.64 9.76
C ALA B 159 -14.53 -6.94 10.48
N ASP B 160 -13.86 -8.02 10.07
CA ASP B 160 -14.04 -9.30 10.73
C ASP B 160 -13.28 -9.36 12.05
N VAL B 161 -12.07 -8.80 12.11
CA VAL B 161 -11.26 -8.78 13.32
C VAL B 161 -10.52 -7.46 13.40
N LEU B 162 -10.07 -7.12 14.60
CA LEU B 162 -9.30 -5.89 14.84
C LEU B 162 -7.96 -6.24 15.47
N TYR B 163 -6.90 -5.63 14.97
CA TYR B 163 -5.61 -5.65 15.65
C TYR B 163 -5.35 -4.25 16.16
N GLY B 164 -5.18 -4.13 17.48
CA GLY B 164 -4.85 -2.86 18.08
C GLY B 164 -3.36 -2.75 18.29
N VAL B 165 -2.79 -1.63 17.87
CA VAL B 165 -1.37 -1.37 17.97
C VAL B 165 -1.22 -0.15 18.87
N THR B 166 -0.57 -0.33 20.03
CA THR B 166 -0.39 0.77 20.95
C THR B 166 0.91 0.60 21.70
N MET B 167 1.51 1.72 22.09
CA MET B 167 2.77 1.71 22.84
C MET B 167 2.44 1.71 24.34
N GLN B 168 2.34 0.52 24.92
CA GLN B 168 2.20 0.42 26.37
C GLN B 168 3.47 0.89 27.06
N GLU B 169 4.63 0.43 26.60
CA GLU B 169 5.91 0.98 27.01
C GLU B 169 6.37 2.01 25.99
N SER B 170 7.15 2.98 26.48
CA SER B 170 7.51 4.14 25.65
C SER B 170 8.25 3.69 24.40
N GLY B 171 7.67 4.00 23.24
CA GLY B 171 8.32 3.78 21.97
C GLY B 171 8.35 2.34 21.50
N VAL B 172 7.65 1.44 22.17
CA VAL B 172 7.59 0.03 21.81
C VAL B 172 6.14 -0.35 21.56
N SER B 173 5.84 -0.74 20.32
CA SER B 173 4.46 -1.09 19.97
C SER B 173 4.13 -2.49 20.46
N LYS B 174 2.99 -2.62 21.10
CA LYS B 174 2.40 -3.88 21.49
C LYS B 174 1.16 -4.11 20.65
N VAL B 175 0.79 -5.37 20.44
CA VAL B 175 -0.33 -5.74 19.58
C VAL B 175 -1.29 -6.65 20.34
N ILE B 176 -2.57 -6.29 20.35
CA ILE B 176 -3.62 -7.18 20.83
C ILE B 176 -4.67 -7.31 19.73
N SER B 177 -5.54 -8.31 19.90
CA SER B 177 -6.48 -8.64 18.84
C SER B 177 -7.81 -9.08 19.42
N VAL B 178 -8.89 -8.71 18.73
CA VAL B 178 -10.23 -9.15 19.09
C VAL B 178 -10.99 -9.49 17.82
N LYS B 179 -11.72 -10.60 17.87
CA LYS B 179 -12.63 -10.96 16.81
C LYS B 179 -13.95 -10.21 16.96
N LEU B 180 -14.55 -9.82 15.84
CA LEU B 180 -15.91 -9.32 15.82
C LEU B 180 -16.88 -10.25 15.14
N GLU B 181 -16.41 -11.08 14.21
CA GLU B 181 -17.26 -11.97 13.44
C GLU B 181 -17.12 -13.43 13.88
N PRO C 9 -16.04 10.92 23.32
CA PRO C 9 -16.70 9.63 23.13
C PRO C 9 -15.86 8.44 23.63
N ILE C 10 -14.62 8.33 23.13
CA ILE C 10 -13.72 7.30 23.61
C ILE C 10 -13.25 7.62 25.03
N GLU C 11 -12.97 8.90 25.30
CA GLU C 11 -12.56 9.27 26.65
C GLU C 11 -13.68 9.10 27.67
N ALA C 12 -14.94 9.14 27.22
CA ALA C 12 -16.04 8.74 28.10
C ALA C 12 -15.88 7.28 28.51
N ARG C 13 -15.76 6.39 27.51
CA ARG C 13 -15.60 4.97 27.82
C ARG C 13 -14.32 4.70 28.61
N MET C 14 -13.25 5.44 28.35
CA MET C 14 -12.00 5.25 29.10
C MET C 14 -12.25 5.38 30.60
N ASN C 15 -12.96 6.44 31.01
CA ASN C 15 -13.23 6.65 32.43
C ASN C 15 -14.12 5.54 32.99
N GLU C 16 -15.12 5.12 32.23
CA GLU C 16 -16.02 4.05 32.68
C GLU C 16 -15.31 2.70 32.79
N ILE C 17 -14.18 2.52 32.10
CA ILE C 17 -13.38 1.31 32.35
C ILE C 17 -12.49 1.51 33.57
N VAL C 18 -11.90 2.71 33.70
CA VAL C 18 -11.06 3.03 34.86
C VAL C 18 -11.83 2.77 36.15
N HIS C 19 -12.99 3.41 36.30
CA HIS C 19 -13.76 3.26 37.53
C HIS C 19 -14.31 1.85 37.69
N SER C 20 -14.61 1.16 36.58
CA SER C 20 -15.08 -0.21 36.68
C SER C 20 -13.98 -1.15 37.16
N LEU C 21 -12.71 -0.75 37.01
CA LEU C 21 -11.60 -1.58 37.47
C LEU C 21 -11.34 -1.43 38.95
N LYS C 22 -11.72 -0.29 39.54
CA LYS C 22 -11.52 -0.07 40.96
C LYS C 22 -12.40 -1.00 41.80
N SER C 23 -13.54 -1.43 41.26
CA SER C 23 -14.37 -2.43 41.93
C SER C 23 -13.63 -3.75 42.06
N ARG C 24 -13.60 -4.55 40.99
CA ARG C 24 -12.93 -5.84 41.01
C ARG C 24 -11.43 -5.65 41.18
N GLY C 25 -10.89 -6.14 42.30
CA GLY C 25 -9.47 -6.04 42.56
C GLY C 25 -8.60 -7.03 41.83
N THR C 26 -9.19 -7.85 40.96
CA THR C 26 -8.48 -8.89 40.23
C THR C 26 -8.56 -8.64 38.72
N ARG C 27 -8.15 -9.65 37.95
CA ARG C 27 -8.28 -9.61 36.50
C ARG C 27 -9.73 -9.44 36.09
N ILE C 28 -9.93 -8.90 34.89
CA ILE C 28 -11.26 -8.82 34.28
C ILE C 28 -11.12 -9.15 32.80
N ASN C 29 -12.02 -10.00 32.32
CA ASN C 29 -12.07 -10.37 30.91
C ASN C 29 -12.67 -9.23 30.09
N PHE C 30 -12.05 -8.96 28.94
CA PHE C 30 -12.46 -7.81 28.12
C PHE C 30 -13.95 -7.82 27.82
N MET C 31 -14.50 -9.00 27.50
CA MET C 31 -15.92 -9.11 27.18
C MET C 31 -16.80 -9.03 28.43
N ASP C 32 -16.23 -9.19 29.62
CA ASP C 32 -17.00 -9.03 30.85
C ASP C 32 -17.23 -7.56 31.20
N LEU C 33 -16.36 -6.67 30.71
CA LEU C 33 -16.51 -5.24 30.99
C LEU C 33 -17.92 -4.77 30.70
N PHE C 34 -18.46 -5.17 29.56
CA PHE C 34 -19.82 -4.83 29.16
C PHE C 34 -20.49 -6.09 28.66
N PRO C 35 -21.40 -6.67 29.45
CA PRO C 35 -22.00 -7.96 29.05
C PRO C 35 -22.83 -7.83 27.78
N TYR C 36 -22.67 -8.82 26.90
CA TYR C 36 -23.44 -8.94 25.66
C TYR C 36 -23.37 -7.65 24.85
N GLU C 37 -22.18 -7.04 24.86
CA GLU C 37 -21.85 -5.87 24.09
C GLU C 37 -22.17 -6.05 22.61
N GLN C 38 -22.62 -4.98 21.96
CA GLN C 38 -22.78 -4.94 20.52
C GLN C 38 -21.55 -4.31 19.87
N LYS C 39 -21.34 -4.66 18.59
CA LYS C 39 -20.03 -4.43 17.96
C LYS C 39 -19.65 -2.95 17.93
N GLU C 40 -20.63 -2.06 17.68
CA GLU C 40 -20.32 -0.63 17.76
C GLU C 40 -19.75 -0.27 19.13
N HIS C 41 -20.33 -0.85 20.19
CA HIS C 41 -19.83 -0.62 21.53
C HIS C 41 -18.48 -1.32 21.75
N LEU C 42 -18.34 -2.55 21.26
CA LEU C 42 -17.08 -3.28 21.36
C LEU C 42 -15.92 -2.46 20.80
N VAL C 43 -16.12 -1.86 19.63
CA VAL C 43 -15.04 -1.12 18.97
C VAL C 43 -14.53 0.01 19.86
N VAL C 44 -15.44 0.81 20.41
CA VAL C 44 -15.01 1.91 21.26
C VAL C 44 -14.35 1.39 22.52
N THR C 45 -14.88 0.31 23.10
CA THR C 45 -14.22 -0.32 24.24
C THR C 45 -12.81 -0.75 23.88
N PHE C 46 -12.65 -1.37 22.71
CA PHE C 46 -11.34 -1.78 22.25
C PHE C 46 -10.40 -0.58 22.09
N LEU C 47 -10.88 0.47 21.41
CA LEU C 47 -10.05 1.66 21.25
C LEU C 47 -9.75 2.32 22.60
N ALA C 48 -10.66 2.18 23.56
CA ALA C 48 -10.43 2.73 24.89
C ALA C 48 -9.30 2.00 25.60
N VAL C 49 -9.35 0.67 25.59
CA VAL C 49 -8.30 -0.13 26.21
C VAL C 49 -6.94 0.22 25.61
N LEU C 50 -6.88 0.37 24.28
CA LEU C 50 -5.63 0.73 23.62
C LEU C 50 -5.08 2.05 24.16
N GLU C 51 -5.95 3.05 24.30
CA GLU C 51 -5.50 4.36 24.78
C GLU C 51 -5.11 4.29 26.26
N LEU C 52 -5.84 3.49 27.05
CA LEU C 52 -5.47 3.31 28.46
C LEU C 52 -4.10 2.66 28.58
N MET C 53 -3.83 1.63 27.77
CA MET C 53 -2.49 1.06 27.73
C MET C 53 -1.45 2.11 27.40
N LYS C 54 -1.76 3.00 26.46
CA LYS C 54 -0.81 4.03 26.06
C LYS C 54 -0.53 5.01 27.21
N ASN C 55 -1.52 5.30 28.04
CA ASN C 55 -1.37 6.23 29.15
C ASN C 55 -0.87 5.56 30.42
N GLN C 56 -0.34 4.33 30.32
CA GLN C 56 0.27 3.64 31.45
C GLN C 56 -0.72 3.50 32.61
N LEU C 57 -2.00 3.31 32.30
CA LEU C 57 -3.03 3.22 33.30
C LEU C 57 -3.64 1.84 33.43
N VAL C 58 -3.16 0.87 32.65
CA VAL C 58 -3.78 -0.45 32.68
C VAL C 58 -2.82 -1.45 32.06
N LEU C 59 -2.90 -2.69 32.52
CA LEU C 59 -2.02 -3.76 32.08
C LEU C 59 -2.85 -4.82 31.37
N ILE C 60 -2.32 -5.32 30.25
CA ILE C 60 -3.05 -6.21 29.36
C ILE C 60 -2.30 -7.52 29.24
N GLU C 61 -3.05 -8.61 29.26
CA GLU C 61 -2.50 -9.94 29.08
C GLU C 61 -3.28 -10.67 27.99
N GLN C 62 -2.56 -11.15 26.98
CA GLN C 62 -3.17 -11.93 25.92
C GLN C 62 -2.16 -12.96 25.43
N GLU C 63 -2.56 -14.23 25.44
CA GLU C 63 -1.63 -15.31 25.17
C GLU C 63 -1.46 -15.58 23.68
N HIS C 64 -2.56 -15.57 22.93
CA HIS C 64 -2.54 -15.81 21.50
C HIS C 64 -3.42 -14.77 20.82
N ASN C 65 -3.24 -14.63 19.50
CA ASN C 65 -4.15 -13.81 18.74
C ASN C 65 -5.56 -14.33 18.92
N PHE C 66 -6.51 -13.42 19.15
CA PHE C 66 -7.93 -13.68 19.32
C PHE C 66 -8.23 -14.53 20.56
N SER C 67 -7.24 -14.81 21.39
CA SER C 67 -7.50 -15.42 22.68
C SER C 67 -8.02 -14.37 23.65
N ASP C 68 -8.64 -14.84 24.73
CA ASP C 68 -9.25 -13.93 25.71
C ASP C 68 -8.21 -12.96 26.27
N ILE C 69 -8.66 -11.73 26.53
CA ILE C 69 -7.80 -10.65 27.00
C ILE C 69 -8.20 -10.30 28.42
N TYR C 70 -7.20 -10.17 29.30
CA TYR C 70 -7.46 -9.81 30.69
C TYR C 70 -6.79 -8.49 31.00
N ILE C 71 -7.50 -7.67 31.77
CA ILE C 71 -7.16 -6.27 31.99
C ILE C 71 -7.08 -6.04 33.49
N THR C 72 -6.08 -5.27 33.92
CA THR C 72 -5.91 -4.99 35.34
C THR C 72 -5.43 -3.56 35.52
N GLY C 73 -5.98 -2.88 36.53
CA GLY C 73 -5.57 -1.52 36.81
C GLY C 73 -4.09 -1.42 37.13
N SER C 74 -3.54 -0.22 36.91
CA SER C 74 -2.11 0.02 37.12
C SER C 74 -1.88 0.89 38.35
N GLU C 75 -2.28 2.16 38.30
CA GLU C 75 -2.14 3.06 39.44
C GLU C 75 -3.11 4.24 39.34
#